data_7LGB
#
_entry.id   7LGB
#
_cell.length_a   84.662
_cell.length_b   84.233
_cell.length_c   47.341
_cell.angle_alpha   90.000
_cell.angle_beta   116.188
_cell.angle_gamma   90.000
#
_symmetry.space_group_name_H-M   'C 1 2 1'
#
loop_
_entity.id
_entity.type
_entity.pdbx_description
1 polymer '3-ketoacyl-ACP reductase'
2 non-polymer NICOTINAMIDE-ADENINE-DINUCLEOTIDE
3 water water
#
_entity_poly.entity_id   1
_entity_poly.type   'polypeptide(L)'
_entity_poly.pdbx_seq_one_letter_code
;LKLTESNRSPRTTNTTDLSGKVAVVTGAAAGLGRAEALGLARLGATVVVNDVASALDASDVVDEIGAAAADAGAKAVAVA
GDISQRATADELLASAVGLGGLDIVVNNAGITRDRMLFNMSDEEWDAVIAVHLRGHFLLTRNAAAYWRDKAKDAEGGSVF
GRLVNTSSEAGLVGPVGQANYAAAKAGITALTLSAARALGRYGVCANVICPRARTAMTADVFGAAPDVEAGQIDPLSPQH
VVSLVQFLASPAAAEVNGQVFIVYGPQVTLVSPPHMERRFSADGTSWDPTELTATLRDYFAGRDPEQSFSATDLMRQ
;
_entity_poly.pdbx_strand_id   A
#
loop_
_chem_comp.id
_chem_comp.type
_chem_comp.name
_chem_comp.formula
NAD non-polymer NICOTINAMIDE-ADENINE-DINUCLEOTIDE 'C21 H27 N7 O14 P2'
#
# COMPACT_ATOMS: atom_id res chain seq x y z
N THR A 16 -11.67 -14.41 -11.34
CA THR A 16 -10.53 -13.91 -10.55
C THR A 16 -10.25 -14.82 -9.35
N ASP A 17 -10.28 -16.13 -9.57
CA ASP A 17 -10.18 -17.10 -8.48
C ASP A 17 -8.73 -17.24 -8.00
N LEU A 18 -8.54 -17.18 -6.68
CA LEU A 18 -7.21 -17.20 -6.08
C LEU A 18 -6.90 -18.53 -5.39
N SER A 19 -7.65 -19.59 -5.73
CA SER A 19 -7.39 -20.92 -5.20
C SER A 19 -5.92 -21.29 -5.37
N GLY A 20 -5.37 -21.93 -4.34
CA GLY A 20 -3.98 -22.36 -4.36
C GLY A 20 -2.95 -21.26 -4.16
N LYS A 21 -3.36 -20.01 -4.06
CA LYS A 21 -2.43 -18.91 -3.82
C LYS A 21 -2.30 -18.65 -2.33
N VAL A 22 -1.15 -18.06 -1.95
CA VAL A 22 -0.92 -17.60 -0.59
C VAL A 22 -0.71 -16.08 -0.58
N ALA A 23 -1.43 -15.40 0.30
CA ALA A 23 -1.38 -13.95 0.45
C ALA A 23 -0.91 -13.57 1.84
N VAL A 24 -0.11 -12.51 1.92
CA VAL A 24 0.25 -11.89 3.18
C VAL A 24 -0.41 -10.52 3.22
N VAL A 25 -1.20 -10.26 4.25
CA VAL A 25 -1.82 -8.95 4.48
C VAL A 25 -1.34 -8.44 5.83
N THR A 26 -0.73 -7.25 5.86
CA THR A 26 -0.32 -6.66 7.12
C THR A 26 -1.40 -5.70 7.65
N GLY A 27 -1.33 -5.43 8.95
CA GLY A 27 -2.35 -4.62 9.60
C GLY A 27 -3.75 -5.18 9.44
N ALA A 28 -3.88 -6.51 9.47
CA ALA A 28 -5.13 -7.19 9.08
C ALA A 28 -5.98 -7.62 10.28
N ALA A 29 -5.71 -7.13 11.48
CA ALA A 29 -6.56 -7.46 12.62
C ALA A 29 -7.90 -6.73 12.58
N ALA A 30 -7.94 -5.55 11.96
CA ALA A 30 -9.17 -4.76 11.97
C ALA A 30 -9.18 -3.87 10.74
N GLY A 31 -10.24 -3.10 10.57
CA GLY A 31 -10.25 -2.07 9.54
C GLY A 31 -10.11 -2.63 8.14
N LEU A 32 -9.44 -1.84 7.30
CA LEU A 32 -9.26 -2.14 5.88
C LEU A 32 -8.44 -3.41 5.66
N GLY A 33 -7.37 -3.60 6.44
CA GLY A 33 -6.58 -4.81 6.28
C GLY A 33 -7.36 -6.08 6.56
N ARG A 34 -8.21 -6.04 7.59
CA ARG A 34 -9.10 -7.17 7.86
C ARG A 34 -10.07 -7.42 6.71
N ALA A 35 -10.67 -6.35 6.17
CA ALA A 35 -11.57 -6.50 5.03
C ALA A 35 -10.83 -7.06 3.82
N GLU A 36 -9.59 -6.61 3.61
CA GLU A 36 -8.80 -7.13 2.48
C GLU A 36 -8.47 -8.60 2.68
N ALA A 37 -8.11 -9.00 3.90
CA ALA A 37 -7.80 -10.40 4.16
C ALA A 37 -9.03 -11.28 3.91
N LEU A 38 -10.20 -10.82 4.33
CA LEU A 38 -11.43 -11.56 4.09
C LEU A 38 -11.75 -11.65 2.60
N GLY A 39 -11.52 -10.58 1.85
CA GLY A 39 -11.85 -10.61 0.43
C GLY A 39 -10.96 -11.56 -0.35
N LEU A 40 -9.69 -11.67 0.03
CA LEU A 40 -8.81 -12.62 -0.62
C LEU A 40 -9.19 -14.05 -0.22
N ALA A 41 -9.47 -14.26 1.06
CA ALA A 41 -9.92 -15.58 1.52
C ALA A 41 -11.17 -16.04 0.78
N ARG A 42 -12.12 -15.12 0.53
CA ARG A 42 -13.35 -15.49 -0.17
C ARG A 42 -13.08 -15.94 -1.61
N LEU A 43 -11.99 -15.51 -2.21
CA LEU A 43 -11.61 -15.94 -3.54
C LEU A 43 -10.79 -17.23 -3.54
N GLY A 44 -10.54 -17.81 -2.37
CA GLY A 44 -9.81 -19.07 -2.27
C GLY A 44 -8.38 -18.94 -1.80
N ALA A 45 -7.91 -17.74 -1.50
CA ALA A 45 -6.52 -17.60 -1.10
C ALA A 45 -6.32 -18.11 0.33
N THR A 46 -5.16 -18.71 0.57
CA THR A 46 -4.68 -18.96 1.92
C THR A 46 -4.02 -17.68 2.43
N VAL A 47 -4.49 -17.15 3.56
CA VAL A 47 -4.06 -15.82 4.01
C VAL A 47 -3.22 -15.95 5.25
N VAL A 48 -2.02 -15.35 5.20
CA VAL A 48 -1.19 -15.12 6.39
C VAL A 48 -1.56 -13.73 6.91
N VAL A 49 -2.20 -13.68 8.08
CA VAL A 49 -2.70 -12.44 8.66
C VAL A 49 -1.65 -11.90 9.62
N ASN A 50 -1.17 -10.69 9.37
CA ASN A 50 -0.18 -10.05 10.21
C ASN A 50 -0.77 -8.81 10.88
N ASP A 51 -0.39 -8.60 12.15
CA ASP A 51 -0.63 -7.35 12.86
C ASP A 51 0.23 -7.40 14.12
N VAL A 52 0.27 -6.27 14.84
CA VAL A 52 0.89 -6.33 16.15
C VAL A 52 0.05 -7.20 17.06
N ALA A 53 0.70 -7.75 18.08
CA ALA A 53 0.04 -8.76 18.90
C ALA A 53 -1.11 -8.16 19.71
N SER A 54 -1.01 -6.91 20.14
CA SER A 54 -2.11 -6.33 20.92
C SER A 54 -3.35 -6.17 20.04
N ALA A 55 -3.16 -5.83 18.76
CA ALA A 55 -4.29 -5.79 17.84
C ALA A 55 -4.93 -7.16 17.71
N LEU A 56 -4.11 -8.22 17.69
CA LEU A 56 -4.67 -9.56 17.55
C LEU A 56 -5.30 -10.09 18.83
N ASP A 57 -4.89 -9.59 20.01
CA ASP A 57 -5.59 -9.92 21.25
C ASP A 57 -7.09 -9.68 21.12
N ALA A 58 -7.47 -8.55 20.52
CA ALA A 58 -8.83 -8.06 20.51
C ALA A 58 -9.58 -8.40 19.23
N SER A 59 -9.04 -9.28 18.40
CA SER A 59 -9.59 -9.53 17.07
C SER A 59 -10.00 -11.00 16.94
N ASP A 60 -11.14 -11.22 16.27
CA ASP A 60 -11.60 -12.55 15.90
C ASP A 60 -11.31 -12.87 14.43
N VAL A 61 -10.39 -12.10 13.81
CA VAL A 61 -10.24 -12.14 12.36
C VAL A 61 -9.89 -13.54 11.88
N VAL A 62 -9.08 -14.28 12.63
CA VAL A 62 -8.70 -15.60 12.17
C VAL A 62 -9.90 -16.53 12.19
N ASP A 63 -10.70 -16.48 13.26
CA ASP A 63 -11.96 -17.21 13.27
C ASP A 63 -12.88 -16.71 12.16
N GLU A 64 -12.91 -15.40 11.93
CA GLU A 64 -13.77 -14.86 10.88
C GLU A 64 -13.34 -15.38 9.51
N ILE A 65 -12.05 -15.59 9.30
CA ILE A 65 -11.59 -16.29 8.10
C ILE A 65 -11.80 -17.78 8.32
N GLY A 66 -13.06 -18.17 8.42
CA GLY A 66 -13.51 -19.52 8.22
C GLY A 66 -14.52 -19.43 7.10
N ALA A 67 -14.23 -18.56 6.13
CA ALA A 67 -15.11 -18.35 4.98
C ALA A 67 -14.37 -18.51 3.67
N ALA A 70 -16.58 -22.26 5.09
CA ALA A 70 -15.28 -21.90 4.53
C ALA A 70 -15.09 -22.50 3.16
N ASP A 71 -15.89 -22.04 2.19
CA ASP A 71 -15.65 -22.41 0.80
C ASP A 71 -14.21 -22.08 0.43
N ALA A 72 -13.64 -22.93 -0.41
CA ALA A 72 -12.24 -22.94 -0.82
C ALA A 72 -11.35 -23.42 0.31
N GLY A 73 -10.06 -23.62 0.01
CA GLY A 73 -9.12 -24.02 1.05
C GLY A 73 -9.19 -23.10 2.24
N ALA A 74 -9.43 -21.81 2.00
CA ALA A 74 -9.83 -20.87 3.04
C ALA A 74 -8.91 -20.85 4.25
N LYS A 75 -7.76 -21.54 4.17
CA LYS A 75 -6.83 -21.60 5.28
C LYS A 75 -6.32 -20.21 5.62
N ALA A 76 -6.18 -19.95 6.91
CA ALA A 76 -5.67 -18.69 7.40
C ALA A 76 -4.81 -18.97 8.62
N VAL A 77 -3.71 -18.24 8.75
CA VAL A 77 -2.84 -18.32 9.92
C VAL A 77 -2.45 -16.91 10.33
N ALA A 78 -2.42 -16.68 11.64
CA ALA A 78 -2.03 -15.39 12.19
C ALA A 78 -0.54 -15.42 12.50
N VAL A 79 0.15 -14.33 12.15
CA VAL A 79 1.55 -14.17 12.50
C VAL A 79 1.72 -12.77 13.08
N ALA A 80 1.91 -12.71 14.41
CA ALA A 80 2.02 -11.47 15.13
C ALA A 80 3.42 -10.89 14.96
N GLY A 81 3.49 -9.59 14.71
CA GLY A 81 4.77 -8.92 14.71
C GLY A 81 4.68 -7.47 14.30
N ASP A 82 5.60 -6.66 14.83
CA ASP A 82 5.75 -5.28 14.39
C ASP A 82 6.41 -5.26 13.02
N ILE A 83 5.67 -4.78 12.01
CA ILE A 83 6.14 -4.87 10.63
C ILE A 83 7.39 -4.01 10.39
N SER A 84 7.67 -3.04 11.26
CA SER A 84 8.88 -2.25 11.09
C SER A 84 10.16 -3.01 11.46
N GLN A 85 10.07 -4.25 11.91
CA GLN A 85 11.22 -5.06 12.33
C GLN A 85 11.52 -6.11 11.29
N ARG A 86 12.79 -6.21 10.91
CA ARG A 86 13.22 -7.20 9.91
C ARG A 86 12.69 -8.59 10.21
N ALA A 87 12.72 -9.00 11.49
CA ALA A 87 12.32 -10.37 11.81
C ALA A 87 10.85 -10.63 11.49
N THR A 88 9.98 -9.62 11.59
CA THR A 88 8.59 -9.83 11.23
C THR A 88 8.47 -10.12 9.74
N ALA A 89 9.15 -9.34 8.91
CA ALA A 89 9.12 -9.56 7.47
C ALA A 89 9.71 -10.92 7.11
N ASP A 90 10.77 -11.33 7.81
CA ASP A 90 11.35 -12.66 7.57
C ASP A 90 10.38 -13.77 7.97
N GLU A 91 9.67 -13.61 9.09
CA GLU A 91 8.76 -14.65 9.54
C GLU A 91 7.57 -14.79 8.61
N LEU A 92 7.03 -13.67 8.13
CA LEU A 92 5.94 -13.70 7.18
C LEU A 92 6.34 -14.44 5.91
N LEU A 93 7.54 -14.16 5.39
CA LEU A 93 8.00 -14.86 4.20
C LEU A 93 8.12 -16.36 4.47
N ALA A 94 8.71 -16.72 5.62
CA ALA A 94 8.89 -18.12 5.95
C ALA A 94 7.55 -18.84 6.11
N SER A 95 6.58 -18.18 6.74
CA SER A 95 5.25 -18.75 6.87
C SER A 95 4.64 -19.01 5.50
N ALA A 96 4.74 -18.04 4.59
CA ALA A 96 4.17 -18.21 3.26
C ALA A 96 4.87 -19.32 2.49
N VAL A 97 6.20 -19.38 2.56
CA VAL A 97 6.93 -20.48 1.93
C VAL A 97 6.50 -21.82 2.53
N GLY A 98 6.29 -21.85 3.85
CA GLY A 98 5.83 -23.07 4.49
C GLY A 98 4.44 -23.49 4.07
N LEU A 99 3.63 -22.56 3.56
CA LEU A 99 2.32 -22.86 3.03
C LEU A 99 2.33 -23.10 1.53
N GLY A 100 3.50 -23.15 0.91
CA GLY A 100 3.62 -23.54 -0.49
C GLY A 100 4.18 -22.50 -1.43
N GLY A 101 4.48 -21.29 -0.97
CA GLY A 101 5.02 -20.25 -1.83
C GLY A 101 4.28 -18.93 -1.61
N LEU A 102 4.99 -17.83 -1.82
CA LEU A 102 4.42 -16.50 -1.65
C LEU A 102 3.95 -15.96 -3.00
N ASP A 103 2.65 -15.67 -3.09
CA ASP A 103 2.02 -15.18 -4.31
C ASP A 103 1.57 -13.74 -4.23
N ILE A 104 1.05 -13.31 -3.07
CA ILE A 104 0.39 -12.01 -2.96
C ILE A 104 0.85 -11.32 -1.70
N VAL A 105 1.19 -10.04 -1.80
CA VAL A 105 1.56 -9.22 -0.66
C VAL A 105 0.69 -7.98 -0.69
N VAL A 106 -0.07 -7.75 0.39
CA VAL A 106 -0.82 -6.52 0.58
C VAL A 106 -0.18 -5.83 1.78
N ASN A 107 0.57 -4.77 1.52
CA ASN A 107 1.15 -3.96 2.59
C ASN A 107 0.10 -2.94 2.98
N ASN A 108 -0.43 -3.08 4.20
CA ASN A 108 -1.48 -2.21 4.66
C ASN A 108 -1.25 -1.64 6.07
N ALA A 109 -0.36 -2.23 6.88
CA ALA A 109 -0.20 -1.79 8.27
C ALA A 109 0.20 -0.32 8.37
N GLY A 110 -0.38 0.38 9.35
CA GLY A 110 0.00 1.77 9.57
C GLY A 110 -0.46 2.30 10.91
N ILE A 111 0.15 3.43 11.31
CA ILE A 111 -0.26 4.19 12.48
C ILE A 111 -0.25 5.67 12.12
N THR A 112 -0.91 6.45 12.96
CA THR A 112 -0.81 7.90 12.87
C THR A 112 -0.26 8.45 14.18
N ARG A 113 0.55 9.49 14.07
CA ARG A 113 0.98 10.31 15.19
C ARG A 113 0.85 11.76 14.70
N ASP A 114 -0.38 12.25 14.64
CA ASP A 114 -0.63 13.57 14.07
C ASP A 114 -0.16 14.66 15.03
N ARG A 115 0.42 15.70 14.46
CA ARG A 115 0.94 16.82 15.25
C ARG A 115 1.29 17.93 14.29
N MET A 116 1.03 19.17 14.71
CA MET A 116 1.58 20.29 13.97
C MET A 116 3.09 20.11 13.87
N LEU A 117 3.62 20.36 12.67
CA LEU A 117 5.05 20.16 12.42
C LEU A 117 5.91 20.83 13.49
N PHE A 118 5.53 22.04 13.91
CA PHE A 118 6.38 22.75 14.85
C PHE A 118 6.30 22.17 16.26
N ASN A 119 5.36 21.24 16.53
CA ASN A 119 5.31 20.51 17.79
C ASN A 119 5.71 19.05 17.67
N MET A 120 6.12 18.59 16.48
CA MET A 120 6.30 17.15 16.26
C MET A 120 7.65 16.69 16.81
N SER A 121 7.61 15.70 17.71
CA SER A 121 8.84 15.15 18.26
C SER A 121 9.51 14.23 17.24
N ASP A 122 10.79 13.93 17.50
CA ASP A 122 11.52 12.99 16.65
C ASP A 122 10.86 11.62 16.67
N GLU A 123 10.35 11.22 17.84
CA GLU A 123 9.73 9.90 18.00
C GLU A 123 8.42 9.80 17.23
N GLU A 124 7.59 10.85 17.30
CA GLU A 124 6.37 10.90 16.49
C GLU A 124 6.69 10.78 14.98
N TRP A 125 7.76 11.43 14.53
CA TRP A 125 8.18 11.30 13.14
C TRP A 125 8.68 9.88 12.86
N ASP A 126 9.64 9.41 13.66
CA ASP A 126 10.30 8.14 13.35
C ASP A 126 9.33 6.96 13.38
N ALA A 127 8.39 6.96 14.34
CA ALA A 127 7.47 5.83 14.46
C ALA A 127 6.61 5.68 13.21
N VAL A 128 6.07 6.79 12.70
CA VAL A 128 5.22 6.74 11.52
C VAL A 128 6.04 6.34 10.30
N ILE A 129 7.22 6.92 10.14
CA ILE A 129 8.12 6.49 9.05
C ILE A 129 8.44 5.00 9.18
N ALA A 130 8.66 4.51 10.40
CA ALA A 130 9.07 3.13 10.59
C ALA A 130 7.96 2.14 10.20
N VAL A 131 6.73 2.38 10.66
CA VAL A 131 5.68 1.38 10.43
C VAL A 131 5.23 1.41 8.97
N HIS A 132 5.00 2.61 8.42
CA HIS A 132 4.55 2.70 7.04
C HIS A 132 5.68 2.40 6.07
N LEU A 133 6.73 3.22 6.10
CA LEU A 133 7.71 3.21 5.02
C LEU A 133 8.69 2.06 5.17
N ARG A 134 9.29 1.91 6.35
CA ARG A 134 10.22 0.80 6.56
C ARG A 134 9.49 -0.55 6.48
N GLY A 135 8.29 -0.64 7.08
CA GLY A 135 7.51 -1.87 7.00
C GLY A 135 7.18 -2.26 5.56
N HIS A 136 6.66 -1.32 4.77
CA HIS A 136 6.46 -1.58 3.34
C HIS A 136 7.76 -2.07 2.69
N PHE A 137 8.88 -1.39 2.97
CA PHE A 137 10.15 -1.76 2.37
C PHE A 137 10.54 -3.20 2.70
N LEU A 138 10.59 -3.52 4.00
CA LEU A 138 11.11 -4.83 4.42
C LEU A 138 10.38 -5.96 3.73
N LEU A 139 9.05 -5.88 3.64
CA LEU A 139 8.28 -6.96 3.06
C LEU A 139 8.32 -6.90 1.53
N THR A 140 8.33 -5.68 0.97
CA THR A 140 8.50 -5.54 -0.48
C THR A 140 9.86 -6.08 -0.93
N ARG A 141 10.92 -5.76 -0.20
CA ARG A 141 12.25 -6.25 -0.55
C ARG A 141 12.31 -7.76 -0.41
N ASN A 142 11.84 -8.29 0.73
CA ASN A 142 11.84 -9.74 0.92
C ASN A 142 11.08 -10.45 -0.20
N ALA A 143 9.90 -9.93 -0.56
CA ALA A 143 9.14 -10.50 -1.66
C ALA A 143 9.89 -10.38 -2.97
N ALA A 144 10.49 -9.20 -3.21
CA ALA A 144 11.25 -8.99 -4.44
C ALA A 144 12.34 -10.04 -4.59
N ALA A 145 13.10 -10.30 -3.52
CA ALA A 145 14.17 -11.28 -3.60
C ALA A 145 13.62 -12.69 -3.79
N TYR A 146 12.49 -13.01 -3.14
CA TYR A 146 11.87 -14.32 -3.31
C TYR A 146 11.38 -14.52 -4.74
N TRP A 147 10.74 -13.51 -5.33
CA TRP A 147 10.14 -13.69 -6.65
C TRP A 147 11.21 -13.77 -7.73
N ARG A 148 12.27 -12.95 -7.62
CA ARG A 148 13.36 -13.05 -8.59
C ARG A 148 14.07 -14.40 -8.50
N ASP A 149 14.41 -14.84 -7.28
CA ASP A 149 15.07 -16.14 -7.12
C ASP A 149 14.21 -17.25 -7.69
N LYS A 150 12.90 -17.19 -7.47
CA LYS A 150 12.00 -18.19 -8.02
C LYS A 150 12.05 -18.22 -9.54
N ALA A 151 12.09 -17.04 -10.17
CA ALA A 151 12.20 -16.96 -11.63
C ALA A 151 13.51 -17.55 -12.12
N LYS A 152 14.61 -17.29 -11.40
CA LYS A 152 15.88 -17.90 -11.77
C LYS A 152 15.83 -19.42 -11.57
N ASP A 153 15.24 -19.88 -10.46
CA ASP A 153 15.06 -21.32 -10.26
C ASP A 153 14.21 -21.94 -11.36
N ALA A 154 13.29 -21.16 -11.94
CA ALA A 154 12.50 -21.62 -13.07
C ALA A 154 13.26 -21.61 -14.39
N GLU A 155 14.57 -21.33 -14.36
CA GLU A 155 15.39 -21.19 -15.56
C GLU A 155 14.82 -20.10 -16.48
N GLY A 156 14.45 -18.96 -15.88
CA GLY A 156 13.86 -17.86 -16.61
C GLY A 156 12.37 -17.93 -16.80
N GLY A 157 11.68 -18.85 -16.11
CA GLY A 157 10.25 -18.96 -16.25
C GLY A 157 9.51 -17.89 -15.47
N SER A 158 8.27 -17.63 -15.90
CA SER A 158 7.45 -16.61 -15.25
C SER A 158 7.02 -17.06 -13.87
N VAL A 159 6.97 -16.11 -12.94
CA VAL A 159 6.40 -16.33 -11.61
C VAL A 159 5.14 -15.48 -11.48
N PHE A 160 4.16 -16.02 -10.78
CA PHE A 160 3.02 -15.21 -10.36
C PHE A 160 3.41 -14.46 -9.09
N GLY A 161 3.32 -13.14 -9.13
CA GLY A 161 3.53 -12.37 -7.93
C GLY A 161 2.71 -11.10 -8.00
N ARG A 162 2.09 -10.71 -6.90
CA ARG A 162 1.27 -9.52 -6.85
C ARG A 162 1.62 -8.73 -5.60
N LEU A 163 1.95 -7.47 -5.79
CA LEU A 163 2.29 -6.57 -4.70
C LEU A 163 1.28 -5.43 -4.71
N VAL A 164 0.64 -5.20 -3.57
CA VAL A 164 -0.34 -4.13 -3.42
C VAL A 164 0.07 -3.29 -2.23
N ASN A 165 0.62 -2.09 -2.49
CA ASN A 165 1.05 -1.21 -1.42
C ASN A 165 0.03 -0.10 -1.20
N THR A 166 0.00 0.42 0.01
CA THR A 166 -1.04 1.37 0.43
C THR A 166 -0.41 2.73 0.67
N SER A 167 -0.73 3.67 -0.22
CA SER A 167 -0.35 5.05 -0.02
C SER A 167 -1.57 5.81 0.47
N SER A 168 -1.64 7.10 0.17
CA SER A 168 -2.76 7.91 0.61
C SER A 168 -2.73 9.20 -0.19
N GLU A 169 -3.91 9.78 -0.40
CA GLU A 169 -3.98 11.14 -0.95
C GLU A 169 -3.19 12.13 -0.10
N ALA A 170 -3.01 11.85 1.19
CA ALA A 170 -2.17 12.72 2.02
C ALA A 170 -0.75 12.80 1.46
N GLY A 171 -0.28 11.74 0.82
CA GLY A 171 1.05 11.77 0.25
C GLY A 171 1.16 12.62 -1.00
N LEU A 172 0.03 12.98 -1.59
CA LEU A 172 0.03 13.87 -2.76
C LEU A 172 -0.12 15.32 -2.37
N VAL A 173 -0.51 15.60 -1.13
CA VAL A 173 -1.17 16.83 -0.76
C VAL A 173 -0.50 17.48 0.45
N GLY A 174 0.15 16.66 1.29
CA GLY A 174 0.79 17.14 2.49
C GLY A 174 -0.15 17.92 3.41
N PRO A 175 -1.09 17.23 4.05
CA PRO A 175 -2.03 17.93 4.93
C PRO A 175 -1.37 18.45 6.19
N VAL A 176 -1.96 19.51 6.74
CA VAL A 176 -1.47 20.09 7.98
C VAL A 176 -1.64 19.10 9.12
N GLY A 177 -0.65 19.04 10.00
CA GLY A 177 -0.64 18.08 11.09
C GLY A 177 -0.28 16.64 10.70
N GLN A 178 0.03 16.36 9.45
CA GLN A 178 0.35 14.99 9.06
C GLN A 178 1.60 14.93 8.19
N ALA A 179 2.59 15.79 8.46
CA ALA A 179 3.83 15.75 7.67
C ALA A 179 4.47 14.36 7.69
N ASN A 180 4.39 13.67 8.83
CA ASN A 180 5.04 12.35 8.94
C ASN A 180 4.26 11.29 8.17
N TYR A 181 2.94 11.30 8.30
CA TYR A 181 2.10 10.39 7.52
C TYR A 181 2.24 10.66 6.02
N ALA A 182 2.18 11.93 5.62
CA ALA A 182 2.29 12.27 4.20
C ALA A 182 3.66 11.84 3.63
N ALA A 183 4.72 12.09 4.38
CA ALA A 183 6.06 11.72 3.91
C ALA A 183 6.16 10.21 3.72
N ALA A 184 5.64 9.42 4.67
CA ALA A 184 5.70 7.96 4.54
C ALA A 184 4.89 7.48 3.33
N LYS A 185 3.70 8.02 3.13
CA LYS A 185 2.86 7.54 2.04
C LYS A 185 3.43 7.91 0.68
N ALA A 186 4.00 9.12 0.55
CA ALA A 186 4.67 9.49 -0.69
C ALA A 186 5.88 8.59 -0.94
N GLY A 187 6.70 8.34 0.09
CA GLY A 187 7.80 7.39 -0.07
C GLY A 187 7.33 6.02 -0.55
N ILE A 188 6.23 5.53 0.03
CA ILE A 188 5.66 4.24 -0.35
C ILE A 188 5.36 4.20 -1.84
N THR A 189 4.79 5.29 -2.37
CA THR A 189 4.47 5.34 -3.78
C THR A 189 5.72 5.20 -4.64
N ALA A 190 6.75 5.99 -4.32
CA ALA A 190 8.00 5.95 -5.09
C ALA A 190 8.68 4.60 -4.94
N LEU A 191 8.66 4.02 -3.74
CA LEU A 191 9.17 2.66 -3.53
C LEU A 191 8.49 1.67 -4.46
N THR A 192 7.16 1.76 -4.58
CA THR A 192 6.41 0.78 -5.35
C THR A 192 6.67 0.93 -6.86
N LEU A 193 6.93 2.17 -7.31
CA LEU A 193 7.24 2.40 -8.71
C LEU A 193 8.58 1.79 -9.10
N SER A 194 9.59 1.93 -8.23
CA SER A 194 10.84 1.25 -8.43
C SER A 194 10.65 -0.26 -8.47
N ALA A 195 9.90 -0.79 -7.49
CA ALA A 195 9.64 -2.22 -7.45
C ALA A 195 8.98 -2.69 -8.75
N ALA A 196 8.02 -1.91 -9.26
CA ALA A 196 7.35 -2.26 -10.50
C ALA A 196 8.31 -2.32 -11.67
N ARG A 197 9.27 -1.38 -11.73
CA ARG A 197 10.26 -1.40 -12.80
C ARG A 197 11.24 -2.55 -12.64
N ALA A 198 11.63 -2.88 -11.41
CA ALA A 198 12.56 -3.98 -11.21
C ALA A 198 11.88 -5.33 -11.48
N LEU A 199 10.63 -5.48 -11.07
CA LEU A 199 10.02 -6.80 -10.96
C LEU A 199 9.06 -7.15 -12.09
N GLY A 200 8.55 -6.18 -12.84
CA GLY A 200 7.59 -6.49 -13.89
C GLY A 200 8.12 -7.52 -14.88
N ARG A 201 9.42 -7.47 -15.16
CA ARG A 201 9.99 -8.40 -16.15
C ARG A 201 9.94 -9.85 -15.67
N TYR A 202 9.75 -10.11 -14.38
CA TYR A 202 9.67 -11.47 -13.89
C TYR A 202 8.24 -12.01 -13.87
N GLY A 203 7.26 -11.17 -14.18
CA GLY A 203 5.86 -11.53 -14.07
C GLY A 203 5.18 -11.00 -12.83
N VAL A 204 5.88 -10.20 -12.03
CA VAL A 204 5.32 -9.58 -10.84
C VAL A 204 4.58 -8.31 -11.26
N CYS A 205 3.44 -8.04 -10.64
CA CYS A 205 2.79 -6.74 -10.75
C CYS A 205 2.80 -6.05 -9.40
N ALA A 206 3.19 -4.77 -9.39
CA ALA A 206 3.24 -3.98 -8.17
C ALA A 206 2.48 -2.67 -8.41
N ASN A 207 1.49 -2.41 -7.56
CA ASN A 207 0.62 -1.26 -7.75
C ASN A 207 0.33 -0.63 -6.39
N VAL A 208 -0.12 0.61 -6.44
CA VAL A 208 -0.34 1.45 -5.28
C VAL A 208 -1.82 1.78 -5.19
N ILE A 209 -2.40 1.68 -3.99
CA ILE A 209 -3.76 2.17 -3.77
C ILE A 209 -3.72 3.32 -2.77
N CYS A 210 -4.61 4.29 -2.98
CA CYS A 210 -4.84 5.41 -2.08
C CYS A 210 -6.30 5.36 -1.69
N PRO A 211 -6.65 4.63 -0.63
CA PRO A 211 -8.06 4.40 -0.31
C PRO A 211 -8.65 5.48 0.59
N ARG A 212 -9.98 5.52 0.61
CA ARG A 212 -10.75 6.08 1.72
C ARG A 212 -11.76 5.04 2.13
N ALA A 213 -11.79 4.71 3.40
CA ALA A 213 -12.71 3.70 3.90
C ALA A 213 -13.05 4.05 5.34
N ARG A 214 -14.32 3.88 5.68
CA ARG A 214 -14.81 4.12 7.03
C ARG A 214 -14.36 2.97 7.93
N THR A 215 -13.41 3.25 8.80
CA THR A 215 -12.97 2.29 9.81
C THR A 215 -13.07 2.96 11.16
N ALA A 216 -12.92 2.15 12.22
CA ALA A 216 -12.88 2.71 13.57
C ALA A 216 -11.84 3.82 13.69
N MET A 217 -10.78 3.77 12.89
CA MET A 217 -9.72 4.76 12.96
C MET A 217 -9.95 5.99 12.08
N THR A 218 -10.92 5.94 11.17
CA THR A 218 -11.29 7.11 10.38
C THR A 218 -12.63 7.67 10.80
N ALA A 219 -13.28 7.02 11.77
CA ALA A 219 -14.63 7.41 12.16
C ALA A 219 -14.68 8.86 12.62
N ASP A 220 -13.59 9.37 13.21
CA ASP A 220 -13.58 10.76 13.65
C ASP A 220 -13.58 11.73 12.48
N VAL A 221 -12.93 11.36 11.37
CA VAL A 221 -12.85 12.25 10.23
C VAL A 221 -14.02 12.06 9.28
N PHE A 222 -14.41 10.82 9.02
CA PHE A 222 -15.48 10.56 8.06
C PHE A 222 -16.86 10.49 8.69
N GLY A 223 -16.94 10.32 10.00
CA GLY A 223 -18.20 10.01 10.64
C GLY A 223 -18.46 8.51 10.68
N ALA A 224 -19.63 8.18 11.19
CA ALA A 224 -20.06 6.79 11.27
C ALA A 224 -20.89 6.40 10.06
N ALA A 225 -21.05 5.09 9.87
CA ALA A 225 -21.80 4.59 8.73
C ALA A 225 -23.28 4.97 8.85
N PRO A 226 -23.87 5.60 7.82
CA PRO A 226 -25.29 6.00 7.80
C PRO A 226 -26.26 4.89 8.19
N GLN A 232 -28.80 0.25 1.03
CA GLN A 232 -27.80 -0.05 0.01
C GLN A 232 -26.48 -0.45 0.65
N ILE A 233 -25.42 0.31 0.35
CA ILE A 233 -24.11 0.08 0.92
C ILE A 233 -23.52 1.42 1.34
N ASP A 234 -22.74 1.39 2.41
CA ASP A 234 -22.06 2.58 2.91
C ASP A 234 -21.19 3.18 1.81
N PRO A 235 -21.38 4.45 1.45
CA PRO A 235 -20.52 5.07 0.42
C PRO A 235 -19.04 4.98 0.72
N LEU A 236 -18.63 4.83 1.98
CA LEU A 236 -17.21 4.67 2.31
C LEU A 236 -16.92 3.28 2.89
N SER A 237 -17.71 2.28 2.51
CA SER A 237 -17.43 0.91 2.95
C SER A 237 -16.00 0.50 2.58
N PRO A 238 -15.31 -0.24 3.46
CA PRO A 238 -14.04 -0.89 3.05
C PRO A 238 -14.18 -1.77 1.82
N GLN A 239 -15.40 -2.26 1.56
CA GLN A 239 -15.62 -3.19 0.46
C GLN A 239 -15.32 -2.55 -0.89
N HIS A 240 -15.56 -1.25 -1.02
CA HIS A 240 -15.22 -0.51 -2.23
C HIS A 240 -13.75 -0.64 -2.56
N VAL A 241 -12.90 -0.63 -1.52
CA VAL A 241 -11.47 -0.83 -1.70
C VAL A 241 -11.15 -2.29 -1.97
N VAL A 242 -11.80 -3.19 -1.23
CA VAL A 242 -11.48 -4.61 -1.36
C VAL A 242 -11.66 -5.06 -2.81
N SER A 243 -12.72 -4.59 -3.47
CA SER A 243 -12.96 -5.00 -4.85
C SER A 243 -11.75 -4.70 -5.73
N LEU A 244 -11.14 -3.53 -5.56
CA LEU A 244 -9.94 -3.22 -6.34
C LEU A 244 -8.78 -4.12 -5.92
N VAL A 245 -8.60 -4.33 -4.61
CA VAL A 245 -7.45 -5.11 -4.15
C VAL A 245 -7.55 -6.55 -4.65
N GLN A 246 -8.78 -7.11 -4.69
CA GLN A 246 -8.98 -8.44 -5.24
C GLN A 246 -8.49 -8.53 -6.69
N PHE A 247 -8.81 -7.52 -7.48
CA PHE A 247 -8.33 -7.47 -8.87
C PHE A 247 -6.82 -7.40 -8.92
N LEU A 248 -6.24 -6.45 -8.20
CA LEU A 248 -4.80 -6.20 -8.24
C LEU A 248 -4.00 -7.37 -7.70
N ALA A 249 -4.65 -8.30 -7.00
CA ALA A 249 -4.01 -9.47 -6.45
C ALA A 249 -4.14 -10.68 -7.34
N SER A 250 -4.78 -10.52 -8.50
CA SER A 250 -5.27 -11.65 -9.28
C SER A 250 -4.48 -11.83 -10.57
N PRO A 251 -4.57 -13.02 -11.18
CA PRO A 251 -4.07 -13.19 -12.56
C PRO A 251 -4.57 -12.13 -13.52
N ALA A 252 -5.81 -11.65 -13.34
CA ALA A 252 -6.41 -10.75 -14.32
C ALA A 252 -5.69 -9.40 -14.41
N ALA A 253 -4.84 -9.07 -13.43
CA ALA A 253 -4.11 -7.79 -13.46
C ALA A 253 -2.71 -7.93 -14.06
N ALA A 254 -2.48 -8.94 -14.89
CA ALA A 254 -1.15 -9.17 -15.47
C ALA A 254 -0.64 -7.97 -16.25
N GLU A 255 -1.51 -7.16 -16.83
CA GLU A 255 -1.07 -6.00 -17.59
C GLU A 255 -1.11 -4.70 -16.80
N VAL A 256 -1.25 -4.76 -15.48
CA VAL A 256 -1.34 -3.57 -14.62
C VAL A 256 -0.12 -3.60 -13.71
N ASN A 257 0.80 -2.66 -13.90
CA ASN A 257 2.05 -2.67 -13.14
C ASN A 257 2.56 -1.24 -13.01
N GLY A 258 2.98 -0.88 -11.80
CA GLY A 258 3.43 0.48 -11.58
C GLY A 258 2.35 1.52 -11.61
N GLN A 259 1.10 1.16 -11.40
CA GLN A 259 0.00 2.12 -11.44
C GLN A 259 -0.39 2.58 -10.04
N VAL A 260 -0.93 3.79 -9.97
CA VAL A 260 -1.40 4.41 -8.73
C VAL A 260 -2.88 4.70 -8.87
N PHE A 261 -3.67 4.17 -7.94
CA PHE A 261 -5.11 4.27 -7.96
C PHE A 261 -5.61 4.99 -6.71
N ILE A 262 -6.59 5.86 -6.89
CA ILE A 262 -7.41 6.37 -5.80
C ILE A 262 -8.74 5.64 -5.83
N VAL A 263 -9.15 5.05 -4.71
CA VAL A 263 -10.37 4.24 -4.67
C VAL A 263 -11.14 4.53 -3.38
N TYR A 264 -12.42 4.88 -3.55
CA TYR A 264 -13.37 4.99 -2.45
C TYR A 264 -14.76 5.14 -3.06
N GLY A 265 -15.74 4.52 -2.42
CA GLY A 265 -17.05 4.44 -3.01
C GLY A 265 -17.00 3.66 -4.31
N PRO A 266 -18.03 3.81 -5.13
CA PRO A 266 -18.16 3.03 -6.37
C PRO A 266 -17.35 3.60 -7.54
N GLN A 267 -16.08 3.90 -7.29
CA GLN A 267 -15.22 4.46 -8.31
C GLN A 267 -13.77 4.11 -7.99
N VAL A 268 -12.99 3.93 -9.06
CA VAL A 268 -11.55 3.79 -9.01
C VAL A 268 -10.97 4.81 -9.98
N THR A 269 -9.96 5.56 -9.53
CA THR A 269 -9.37 6.62 -10.35
C THR A 269 -7.89 6.31 -10.57
N LEU A 270 -7.49 6.23 -11.83
CA LEU A 270 -6.10 6.07 -12.21
C LEU A 270 -5.40 7.42 -12.15
N VAL A 271 -4.35 7.53 -11.36
CA VAL A 271 -3.58 8.77 -11.26
C VAL A 271 -2.59 8.83 -12.41
N SER A 272 -2.48 10.00 -13.04
CA SER A 272 -1.57 10.10 -14.17
C SER A 272 -0.17 10.49 -13.69
N PRO A 273 0.85 10.30 -14.53
CA PRO A 273 2.19 10.76 -14.18
C PRO A 273 2.21 12.27 -14.01
N PRO A 274 3.24 12.81 -13.36
CA PRO A 274 3.25 14.25 -13.07
C PRO A 274 3.14 15.10 -14.33
N HIS A 275 2.30 16.12 -14.26
CA HIS A 275 2.18 17.11 -15.31
C HIS A 275 2.96 18.35 -14.91
N MET A 276 3.27 19.17 -15.91
CA MET A 276 3.99 20.42 -15.71
C MET A 276 3.02 21.58 -15.87
N GLU A 277 3.00 22.49 -14.88
CA GLU A 277 2.10 23.63 -14.97
C GLU A 277 2.61 24.68 -15.95
N ARG A 278 3.90 24.97 -15.92
CA ARG A 278 4.45 26.05 -16.72
C ARG A 278 5.98 26.00 -16.69
N ARG A 279 6.61 26.15 -17.84
CA ARG A 279 8.06 26.19 -17.92
C ARG A 279 8.49 27.65 -18.05
N PHE A 280 9.53 28.02 -17.33
CA PHE A 280 10.08 29.37 -17.40
C PHE A 280 11.50 29.30 -17.94
N SER A 281 11.66 29.54 -19.23
CA SER A 281 12.94 29.43 -19.92
C SER A 281 13.53 30.80 -20.20
N ALA A 282 14.84 30.92 -19.95
CA ALA A 282 15.60 32.04 -20.46
C ALA A 282 15.80 31.89 -21.97
N ASP A 283 16.03 33.00 -22.64
CA ASP A 283 16.22 32.95 -24.08
C ASP A 283 17.65 32.59 -24.49
N GLY A 284 18.60 32.63 -23.57
CA GLY A 284 19.98 32.28 -23.87
C GLY A 284 20.49 31.12 -23.04
N THR A 285 21.80 31.08 -22.81
CA THR A 285 22.41 29.93 -22.15
C THR A 285 22.19 29.91 -20.65
N SER A 286 21.79 31.02 -20.04
CA SER A 286 21.51 31.04 -18.60
C SER A 286 20.46 32.11 -18.29
N TRP A 287 19.70 31.85 -17.23
CA TRP A 287 18.82 32.86 -16.64
C TRP A 287 19.66 33.97 -16.01
N ASP A 288 19.35 35.22 -16.34
CA ASP A 288 19.82 36.29 -15.50
C ASP A 288 19.05 36.24 -14.18
N PRO A 289 19.71 36.19 -13.02
CA PRO A 289 18.98 35.95 -11.78
C PRO A 289 17.94 37.02 -11.46
N THR A 290 18.25 38.30 -11.67
CA THR A 290 17.22 39.30 -11.40
C THR A 290 16.07 39.18 -12.39
N GLU A 291 16.35 38.72 -13.61
CA GLU A 291 15.29 38.50 -14.59
C GLU A 291 14.43 37.30 -14.22
N LEU A 292 15.05 36.20 -13.78
CA LEU A 292 14.28 35.07 -13.30
C LEU A 292 13.36 35.49 -12.16
N THR A 293 13.91 36.26 -11.21
CA THR A 293 13.12 36.77 -10.09
C THR A 293 11.92 37.55 -10.59
N ALA A 294 12.14 38.44 -11.56
CA ALA A 294 11.04 39.23 -12.09
C ALA A 294 9.98 38.36 -12.73
N THR A 295 10.41 37.31 -13.45
CA THR A 295 9.46 36.46 -14.16
C THR A 295 8.60 35.67 -13.19
N LEU A 296 9.23 35.04 -12.20
CA LEU A 296 8.51 34.23 -11.23
C LEU A 296 7.62 35.10 -10.34
N ARG A 297 8.12 36.26 -9.92
CA ARG A 297 7.33 37.14 -9.06
C ARG A 297 6.08 37.60 -9.77
N ASP A 298 6.18 37.92 -11.06
CA ASP A 298 5.01 38.32 -11.82
C ASP A 298 4.04 37.16 -12.00
N TYR A 299 4.56 35.96 -12.24
CA TYR A 299 3.68 34.81 -12.43
C TYR A 299 2.87 34.52 -11.17
N PHE A 300 3.49 34.63 -10.00
CA PHE A 300 2.82 34.28 -8.77
C PHE A 300 2.04 35.44 -8.15
N ALA A 301 2.24 36.67 -8.61
CA ALA A 301 1.37 37.75 -8.15
C ALA A 301 -0.05 37.53 -8.66
N GLY A 302 -0.19 37.21 -9.95
CA GLY A 302 -1.49 36.93 -10.53
C GLY A 302 -1.76 35.45 -10.64
N ARG A 303 -1.93 34.78 -9.50
CA ARG A 303 -2.05 33.34 -9.45
C ARG A 303 -2.61 32.92 -8.10
N ASP A 304 -3.59 32.02 -8.13
CA ASP A 304 -4.23 31.52 -6.92
C ASP A 304 -3.39 30.42 -6.26
PA NAD B . -6.43 0.96 11.20
PA NAD B . -6.54 -1.47 8.90
O1A NAD B . -5.91 1.74 12.35
O1A NAD B . -7.18 -2.67 9.55
O2A NAD B . -7.31 -0.20 11.41
O2A NAD B . -5.56 -1.70 7.87
O5B NAD B . -4.85 0.28 10.55
O5B NAD B . -5.72 -0.68 10.39
C5B NAD B . -4.79 -0.98 10.21
C5B NAD B . -4.43 -0.47 10.45
C4B NAD B . -3.89 -1.82 11.02
C4B NAD B . -3.78 -1.69 10.99
O4B NAD B . -2.59 -1.49 11.15
O4B NAD B . -2.43 -1.58 11.12
C3B NAD B . -4.37 -1.89 12.48
C3B NAD B . -4.26 -1.83 12.45
O3B NAD B . -5.10 -3.03 12.71
O3B NAD B . -5.02 -2.97 12.65
C2B NAD B . -3.01 -1.80 13.26
C2B NAD B . -2.92 -1.79 13.24
O2B NAD B . -2.93 -2.57 14.34
O2B NAD B . -2.92 -2.58 14.35
C1B NAD B . -2.05 -2.17 12.12
C1B NAD B . -1.97 -2.25 12.15
N9A NAD B . -0.65 -1.94 12.62
N9A NAD B . -0.59 -1.97 12.65
C8A NAD B . -0.19 -0.81 13.23
C8A NAD B . -0.15 -0.83 13.27
N7A NAD B . 1.07 -0.89 13.50
N7A NAD B . 1.13 -0.88 13.55
C5A NAD B . 1.52 -2.09 13.07
C5A NAD B . 1.59 -2.09 13.10
C6A NAD B . 2.81 -2.69 13.10
C6A NAD B . 2.89 -2.68 13.13
N6A NAD B . 3.85 -2.04 13.67
N6A NAD B . 3.94 -2.04 13.70
N1A NAD B . 2.95 -3.95 12.58
N1A NAD B . 3.04 -3.95 12.59
C2A NAD B . 1.85 -4.53 12.02
C2A NAD B . 1.93 -4.55 12.04
N3A NAD B . 0.60 -4.02 11.95
N3A NAD B . 0.68 -4.04 11.97
C4A NAD B . 0.46 -2.79 12.50
C4A NAD B . 0.53 -2.80 12.52
O3 NAD B . -7.14 1.92 10.07
O3 NAD B . -7.66 -0.21 8.37
PN NAD B . -7.53 1.56 8.58
PN NAD B . -7.42 1.37 8.73
O1N NAD B . -7.72 0.12 8.44
O1N NAD B . -8.41 2.30 8.18
O2N NAD B . -8.48 2.52 8.09
O2N NAD B . -7.00 1.51 10.14
O5D NAD B . -6.02 1.86 7.61
O5D NAD B . -6.00 1.85 7.69
C5D NAD B . -5.30 0.92 7.02
C5D NAD B . -5.17 0.90 7.23
C4D NAD B . -4.40 1.43 5.89
C4D NAD B . -4.21 1.35 6.08
O4D NAD B . -5.04 2.16 4.88
O4D NAD B . -4.83 2.12 5.05
C3D NAD B . -3.32 2.29 6.34
C3D NAD B . -3.06 2.23 6.55
O3D NAD B . -2.29 2.25 5.53
O3D NAD B . -1.96 2.12 5.76
C2D NAD B . -3.90 3.67 6.22
C2D NAD B . -3.62 3.61 6.28
O2D NAD B . -3.04 4.70 6.16
O2D NAD B . -2.79 4.66 6.25
C1D NAD B . -4.71 3.50 4.94
C1D NAD B . -4.15 3.31 4.90
N1N NAD B . -6.00 4.38 4.94
N1N NAD B . -5.07 4.40 4.52
C2N NAD B . -5.97 5.65 4.51
C2N NAD B . -6.35 4.43 4.99
C3N NAD B . -7.06 6.51 4.49
C3N NAD B . -7.24 5.45 4.66
C7N NAD B . -6.85 7.94 4.01
C7N NAD B . -8.65 5.38 5.19
O7N NAD B . -7.74 8.47 3.41
O7N NAD B . -9.40 6.28 4.93
N7N NAD B . -5.60 8.64 4.29
N7N NAD B . -9.05 4.26 5.95
C4N NAD B . -8.32 5.96 4.92
C4N NAD B . -6.76 6.50 3.85
C5N NAD B . -8.37 4.64 5.34
C5N NAD B . -5.43 6.46 3.38
C6N NAD B . -7.18 3.83 5.35
C6N NAD B . -4.57 5.40 3.73
#